data_8YXW
#
_entry.id   8YXW
#
_cell.length_a   66.597
_cell.length_b   66.597
_cell.length_c   199.648
_cell.angle_alpha   90.00
_cell.angle_beta   90.00
_cell.angle_gamma   120.00
#
_symmetry.space_group_name_H-M   'P 61'
#
loop_
_entity.id
_entity.type
_entity.pdbx_description
1 polymer 'Activating signal cointegrator 1'
2 polymer "DNA (5'-D(*GP*GP*AP*GP*GP*TP*AP*CP*CP*TP*CP*A)-3')"
3 polymer "DNA (5'-D(*TP*GP*AP*GP*GP*TP*AP*CP*CP*TP*CP*C)-3')"
4 water water
#
loop_
_entity_poly.entity_id
_entity_poly.type
_entity_poly.pdbx_seq_one_letter_code
_entity_poly.pdbx_strand_id
1 'polypeptide(L)'
;SWCLSVHQPWASLLVRGIKRVEGRSWYTPHRGRLWIAATAKKPSPQEVSELQATYRLLRGKDVEFPNDYPSGCLLGCVDL
IDCLSQKQFKEQFPDISQESDSPFVFICKNPQEMVVKFPIKGNPKIWKLDSKIHQGAKKGLM
;
A,C
2 'polydeoxyribonucleotide' (DG)(DG)(DA)(DG)(DG)(DT)(DA)(DC)(DC)(DT)(DC)(DA) B
3 'polydeoxyribonucleotide' (DT)(DG)(DA)(DG)(DG)(DT)(DA)(DC)(DC)(DT)(DC)(DC) D
#
# COMPACT_ATOMS: atom_id res chain seq x y z
N SER A 1 -32.57 -12.13 -15.63
CA SER A 1 -31.26 -12.09 -16.27
C SER A 1 -30.26 -11.25 -15.45
N TRP A 2 -30.79 -10.53 -14.47
CA TRP A 2 -30.07 -9.47 -13.80
C TRP A 2 -29.31 -9.99 -12.58
N CYS A 3 -28.12 -9.42 -12.36
CA CYS A 3 -27.17 -9.98 -11.40
C CYS A 3 -26.58 -8.86 -10.55
N LEU A 4 -26.19 -9.21 -9.33
CA LEU A 4 -25.51 -8.33 -8.40
C LEU A 4 -24.23 -9.00 -7.92
N SER A 5 -23.10 -8.29 -8.03
CA SER A 5 -21.84 -8.81 -7.50
C SER A 5 -21.72 -8.43 -6.04
N VAL A 6 -21.35 -9.41 -5.21
CA VAL A 6 -21.23 -9.22 -3.77
C VAL A 6 -19.94 -9.86 -3.29
N HIS A 7 -19.25 -9.20 -2.37
CA HIS A 7 -18.03 -9.76 -1.80
C HIS A 7 -18.34 -11.00 -0.99
N GLN A 8 -17.47 -12.01 -1.09
CA GLN A 8 -17.51 -13.11 -0.12
C GLN A 8 -16.98 -12.63 1.24
N PRO A 9 -17.41 -13.23 2.35
CA PRO A 9 -18.33 -14.38 2.48
C PRO A 9 -19.81 -14.00 2.40
N TRP A 10 -20.10 -12.70 2.35
CA TRP A 10 -21.50 -12.26 2.34
C TRP A 10 -22.26 -12.83 1.15
N ALA A 11 -21.59 -12.94 0.00
CA ALA A 11 -22.26 -13.43 -1.20
C ALA A 11 -22.87 -14.82 -0.98
N SER A 12 -22.08 -15.78 -0.50
CA SER A 12 -22.65 -17.10 -0.27
C SER A 12 -23.67 -17.08 0.87
N LEU A 13 -23.46 -16.28 1.90
CA LEU A 13 -24.45 -16.23 2.97
C LEU A 13 -25.80 -15.77 2.45
N LEU A 14 -25.79 -14.90 1.42
CA LEU A 14 -27.04 -14.47 0.81
C LEU A 14 -27.76 -15.62 0.13
N VAL A 15 -27.05 -16.41 -0.68
CA VAL A 15 -27.76 -17.46 -1.41
C VAL A 15 -28.10 -18.65 -0.54
N ARG A 16 -27.54 -18.73 0.67
CA ARG A 16 -27.94 -19.71 1.67
C ARG A 16 -29.14 -19.28 2.50
N GLY A 17 -29.54 -18.00 2.45
CA GLY A 17 -30.57 -17.51 3.33
C GLY A 17 -30.10 -17.07 4.69
N ILE A 18 -28.79 -17.14 4.95
CA ILE A 18 -28.27 -16.76 6.26
C ILE A 18 -28.21 -15.24 6.39
N LYS A 19 -27.65 -14.57 5.40
CA LYS A 19 -27.76 -13.12 5.28
C LYS A 19 -29.04 -12.83 4.53
N ARG A 20 -29.90 -11.99 5.11
CA ARG A 20 -31.23 -11.78 4.54
C ARG A 20 -31.36 -10.48 3.77
N VAL A 21 -30.43 -9.54 3.94
CA VAL A 21 -30.49 -8.26 3.25
C VAL A 21 -29.11 -7.91 2.75
N GLU A 22 -29.06 -6.99 1.80
CA GLU A 22 -27.81 -6.47 1.28
C GLU A 22 -27.95 -4.96 1.16
N GLY A 23 -27.02 -4.22 1.73
CA GLY A 23 -27.09 -2.77 1.74
C GLY A 23 -26.25 -2.16 0.63
N ARG A 24 -26.78 -1.12 0.01
CA ARG A 24 -26.04 -0.37 -0.99
C ARG A 24 -26.32 1.12 -0.86
N SER A 25 -25.52 1.95 -1.48
CA SER A 25 -25.71 3.39 -1.45
C SER A 25 -26.73 3.87 -2.48
N TRP A 26 -27.20 2.98 -3.35
CA TRP A 26 -28.05 3.38 -4.46
C TRP A 26 -29.33 2.55 -4.45
N TYR A 27 -30.33 3.08 -5.13
CA TYR A 27 -31.65 2.46 -5.21
C TYR A 27 -31.79 1.73 -6.54
N THR A 28 -32.58 0.65 -6.55
CA THR A 28 -32.95 0.03 -7.81
C THR A 28 -34.44 -0.26 -7.84
N PRO A 29 -35.09 0.01 -8.97
CA PRO A 29 -36.49 -0.41 -9.14
C PRO A 29 -36.64 -1.88 -9.49
N HIS A 30 -35.54 -2.62 -9.66
CA HIS A 30 -35.64 -4.03 -10.01
C HIS A 30 -36.35 -4.80 -8.91
N ARG A 31 -37.32 -5.62 -9.30
CA ARG A 31 -38.00 -6.56 -8.41
C ARG A 31 -38.02 -7.93 -9.06
N GLY A 32 -37.99 -8.97 -8.24
CA GLY A 32 -37.98 -10.32 -8.75
C GLY A 32 -36.60 -10.94 -8.67
N ARG A 33 -36.36 -11.89 -9.57
CA ARG A 33 -35.16 -12.70 -9.45
C ARG A 33 -33.92 -11.83 -9.65
N LEU A 34 -32.94 -12.02 -8.77
CA LEU A 34 -31.67 -11.30 -8.84
C LEU A 34 -30.60 -12.35 -8.60
N TRP A 35 -29.79 -12.60 -9.62
CA TRP A 35 -28.67 -13.52 -9.47
C TRP A 35 -27.61 -12.88 -8.59
N ILE A 36 -26.85 -13.73 -7.89
CA ILE A 36 -25.80 -13.26 -6.99
C ILE A 36 -24.47 -13.85 -7.47
N ALA A 37 -23.52 -12.98 -7.78
CA ALA A 37 -22.17 -13.37 -8.16
C ALA A 37 -21.19 -12.94 -7.07
N ALA A 38 -20.24 -13.80 -6.74
CA ALA A 38 -19.14 -13.36 -5.87
C ALA A 38 -18.19 -12.50 -6.68
N THR A 39 -17.71 -11.42 -6.06
CA THR A 39 -16.62 -10.67 -6.66
C THR A 39 -15.34 -11.50 -6.66
N ALA A 40 -14.32 -10.95 -7.30
CA ALA A 40 -13.00 -11.56 -7.32
C ALA A 40 -12.26 -11.43 -6.00
N LYS A 41 -12.72 -10.59 -5.07
CA LYS A 41 -11.95 -10.31 -3.86
C LYS A 41 -12.05 -11.50 -2.90
N LYS A 42 -10.95 -12.22 -2.72
CA LYS A 42 -10.94 -13.36 -1.81
C LYS A 42 -10.95 -12.87 -0.36
N PRO A 43 -11.78 -13.47 0.50
CA PRO A 43 -11.77 -13.09 1.92
C PRO A 43 -10.71 -13.86 2.70
N SER A 44 -10.08 -13.17 3.64
CA SER A 44 -9.13 -13.84 4.53
C SER A 44 -9.87 -14.87 5.38
N PRO A 45 -9.23 -15.99 5.70
CA PRO A 45 -9.87 -16.96 6.62
C PRO A 45 -10.26 -16.34 7.95
N GLN A 46 -9.73 -15.18 8.30
CA GLN A 46 -10.07 -14.54 9.55
C GLN A 46 -11.45 -13.90 9.48
N GLU A 47 -11.74 -13.15 8.41
CA GLU A 47 -13.06 -12.56 8.32
C GLU A 47 -14.14 -13.60 8.05
N VAL A 48 -13.79 -14.75 7.47
CA VAL A 48 -14.80 -15.79 7.34
C VAL A 48 -15.19 -16.34 8.72
N SER A 49 -14.22 -16.66 9.57
CA SER A 49 -14.58 -17.23 10.86
C SER A 49 -15.27 -16.21 11.76
N GLU A 50 -14.78 -14.97 11.77
CA GLU A 50 -15.45 -13.94 12.57
C GLU A 50 -16.88 -13.70 12.09
N LEU A 51 -17.10 -13.66 10.78
CA LEU A 51 -18.46 -13.47 10.27
C LEU A 51 -19.34 -14.67 10.57
N GLN A 52 -18.77 -15.88 10.51
CA GLN A 52 -19.53 -17.06 10.87
C GLN A 52 -19.91 -17.04 12.34
N ALA A 53 -18.98 -16.63 13.21
CA ALA A 53 -19.32 -16.53 14.62
C ALA A 53 -20.46 -15.55 14.85
N THR A 54 -20.41 -14.40 14.19
CA THR A 54 -21.44 -13.38 14.33
C THR A 54 -22.80 -13.91 13.88
N TYR A 55 -22.85 -14.53 12.70
CA TYR A 55 -24.12 -15.04 12.21
C TYR A 55 -24.60 -16.24 13.03
N ARG A 56 -23.69 -16.99 13.67
CA ARG A 56 -24.14 -17.99 14.62
C ARG A 56 -24.94 -17.34 15.75
N LEU A 57 -24.43 -16.22 16.29
CA LEU A 57 -25.16 -15.52 17.33
C LEU A 57 -26.48 -14.96 16.82
N LEU A 58 -26.53 -14.48 15.58
CA LEU A 58 -27.77 -13.89 15.08
C LEU A 58 -28.82 -14.94 14.73
N ARG A 59 -28.40 -16.13 14.27
CA ARG A 59 -29.34 -17.10 13.72
C ARG A 59 -29.46 -18.40 14.51
N GLY A 60 -28.54 -18.71 15.42
CA GLY A 60 -28.60 -19.96 16.16
C GLY A 60 -27.35 -20.81 16.01
N LYS A 61 -27.14 -21.69 16.99
CA LYS A 61 -25.83 -22.32 17.17
C LYS A 61 -25.46 -23.19 15.98
N ASP A 62 -26.44 -23.92 15.44
CA ASP A 62 -26.19 -24.97 14.46
C ASP A 62 -26.55 -24.56 13.04
N VAL A 63 -26.54 -23.25 12.75
CA VAL A 63 -26.77 -22.82 11.37
C VAL A 63 -25.67 -23.41 10.48
N GLU A 64 -26.06 -23.86 9.28
CA GLU A 64 -25.16 -24.61 8.41
C GLU A 64 -24.56 -23.66 7.38
N PHE A 65 -23.29 -23.34 7.57
CA PHE A 65 -22.56 -22.51 6.63
C PHE A 65 -22.08 -23.32 5.44
N PRO A 66 -21.82 -22.67 4.31
CA PRO A 66 -21.17 -23.38 3.20
C PRO A 66 -19.76 -23.79 3.57
N ASN A 67 -19.30 -24.89 2.96
CA ASN A 67 -17.94 -25.34 3.21
C ASN A 67 -16.91 -24.38 2.62
N ASP A 68 -17.25 -23.69 1.53
CA ASP A 68 -16.33 -22.78 0.87
C ASP A 68 -17.08 -21.52 0.46
N TYR A 69 -16.30 -20.46 0.24
CA TYR A 69 -16.81 -19.17 -0.22
C TYR A 69 -16.05 -18.79 -1.49
N PRO A 70 -16.34 -19.45 -2.60
CA PRO A 70 -15.55 -19.23 -3.81
C PRO A 70 -15.76 -17.83 -4.37
N SER A 71 -14.68 -17.28 -4.92
CA SER A 71 -14.66 -15.96 -5.51
C SER A 71 -14.91 -16.02 -7.01
N GLY A 72 -15.34 -14.88 -7.57
CA GLY A 72 -15.40 -14.75 -9.02
C GLY A 72 -16.29 -15.75 -9.73
N CYS A 73 -17.44 -16.09 -9.15
CA CYS A 73 -18.31 -17.06 -9.79
C CYS A 73 -19.77 -16.73 -9.50
N LEU A 74 -20.65 -17.29 -10.31
CA LEU A 74 -22.10 -17.14 -10.13
C LEU A 74 -22.58 -18.18 -9.12
N LEU A 75 -23.21 -17.72 -8.05
CA LEU A 75 -23.50 -18.57 -6.91
C LEU A 75 -24.94 -19.07 -6.89
N GLY A 76 -25.87 -18.28 -7.39
CA GLY A 76 -27.28 -18.56 -7.16
C GLY A 76 -28.09 -17.28 -7.36
N CYS A 77 -29.26 -17.26 -6.73
CA CYS A 77 -30.17 -16.13 -6.91
C CYS A 77 -31.04 -15.98 -5.67
N VAL A 78 -31.63 -14.78 -5.57
CA VAL A 78 -32.65 -14.47 -4.59
C VAL A 78 -33.80 -13.80 -5.35
N ASP A 79 -34.92 -13.68 -4.68
CA ASP A 79 -35.99 -12.78 -5.12
C ASP A 79 -35.82 -11.47 -4.38
N LEU A 80 -35.55 -10.40 -5.13
CA LEU A 80 -35.48 -9.07 -4.56
C LEU A 80 -36.92 -8.58 -4.48
N ILE A 81 -37.50 -8.58 -3.28
CA ILE A 81 -38.91 -8.22 -3.19
C ILE A 81 -39.11 -6.76 -2.84
N ASP A 82 -38.09 -6.08 -2.31
CA ASP A 82 -38.18 -4.64 -2.11
C ASP A 82 -36.79 -4.02 -2.01
N CYS A 83 -36.73 -2.72 -2.23
CA CYS A 83 -35.52 -1.92 -2.06
C CYS A 83 -35.91 -0.73 -1.18
N LEU A 84 -35.55 -0.80 0.10
CA LEU A 84 -36.06 0.12 1.10
C LEU A 84 -35.01 1.14 1.49
N SER A 85 -35.43 2.37 1.70
CA SER A 85 -34.58 3.32 2.39
C SER A 85 -34.30 2.80 3.79
N GLN A 86 -33.26 3.36 4.41
CA GLN A 86 -32.93 2.96 5.77
C GLN A 86 -34.08 3.23 6.74
N LYS A 87 -34.81 4.34 6.54
CA LYS A 87 -35.97 4.63 7.38
C LYS A 87 -37.07 3.59 7.18
N GLN A 88 -37.35 3.21 5.92
CA GLN A 88 -38.34 2.18 5.67
C GLN A 88 -37.89 0.83 6.21
N PHE A 89 -36.59 0.58 6.19
CA PHE A 89 -36.09 -0.70 6.68
C PHE A 89 -36.34 -0.84 8.18
N LYS A 90 -36.05 0.22 8.94
CA LYS A 90 -36.30 0.19 10.38
C LYS A 90 -37.79 0.01 10.68
N GLU A 91 -38.66 0.68 9.92
CA GLU A 91 -40.10 0.56 10.16
C GLU A 91 -40.60 -0.85 9.87
N GLN A 92 -40.16 -1.45 8.76
CA GLN A 92 -40.78 -2.68 8.29
C GLN A 92 -40.09 -3.95 8.78
N PHE A 93 -38.82 -3.91 9.18
CA PHE A 93 -38.09 -5.10 9.59
C PHE A 93 -37.34 -4.86 10.90
N PRO A 94 -38.06 -4.51 11.97
CA PRO A 94 -37.37 -4.17 13.23
C PRO A 94 -36.52 -5.30 13.78
N ASP A 95 -36.86 -6.57 13.52
CA ASP A 95 -36.08 -7.68 14.05
C ASP A 95 -34.73 -7.85 13.39
N ILE A 96 -34.51 -7.25 12.21
CA ILE A 96 -33.24 -7.43 11.50
C ILE A 96 -32.68 -6.09 11.05
N SER A 97 -33.34 -5.00 11.45
CA SER A 97 -32.95 -3.69 10.92
C SER A 97 -31.51 -3.33 11.30
N GLN A 98 -31.01 -3.89 12.41
CA GLN A 98 -29.61 -3.68 12.78
C GLN A 98 -28.65 -4.33 11.80
N GLU A 99 -29.12 -5.21 10.92
CA GLU A 99 -28.20 -5.95 10.07
C GLU A 99 -27.72 -5.16 8.84
N SER A 100 -28.20 -3.93 8.63
CA SER A 100 -27.64 -3.08 7.60
C SER A 100 -27.94 -1.62 7.91
N ASP A 101 -26.94 -0.76 7.84
CA ASP A 101 -27.16 0.66 7.97
C ASP A 101 -26.99 1.41 6.65
N SER A 102 -27.06 0.71 5.52
CA SER A 102 -26.86 1.35 4.23
C SER A 102 -28.04 2.26 3.85
N PRO A 103 -27.80 3.26 2.99
CA PRO A 103 -28.91 4.13 2.57
C PRO A 103 -30.05 3.37 1.92
N PHE A 104 -29.76 2.28 1.21
CA PHE A 104 -30.81 1.46 0.62
C PHE A 104 -30.55 0.00 0.95
N VAL A 105 -31.61 -0.72 1.27
CA VAL A 105 -31.50 -2.08 1.78
C VAL A 105 -32.31 -3.01 0.90
N PHE A 106 -31.62 -3.99 0.29
CA PHE A 106 -32.24 -4.91 -0.66
C PHE A 106 -32.85 -6.06 0.12
N ILE A 107 -34.17 -6.22 0.07
CA ILE A 107 -34.85 -7.25 0.86
C ILE A 107 -34.95 -8.50 -0.01
N CYS A 108 -34.28 -9.57 0.41
CA CYS A 108 -34.15 -10.78 -0.39
C CYS A 108 -34.96 -11.92 0.21
N LYS A 109 -35.59 -12.72 -0.66
CA LYS A 109 -36.36 -13.89 -0.25
C LYS A 109 -36.07 -15.04 -1.20
N ASN A 110 -36.54 -16.22 -0.84
CA ASN A 110 -36.41 -17.42 -1.67
C ASN A 110 -35.00 -17.62 -2.25
N PRO A 111 -33.97 -17.68 -1.40
CA PRO A 111 -32.63 -17.90 -1.93
C PRO A 111 -32.49 -19.31 -2.49
N GLN A 112 -31.69 -19.43 -3.54
CA GLN A 112 -31.32 -20.71 -4.14
C GLN A 112 -29.84 -20.68 -4.42
N GLU A 113 -29.13 -21.73 -4.00
CA GLU A 113 -27.71 -21.87 -4.26
C GLU A 113 -27.47 -22.89 -5.36
N MET A 114 -26.68 -22.53 -6.36
CA MET A 114 -26.40 -23.45 -7.46
C MET A 114 -25.43 -24.55 -7.02
N VAL A 115 -25.73 -25.78 -7.43
CA VAL A 115 -24.82 -26.88 -7.11
C VAL A 115 -23.50 -26.72 -7.85
N VAL A 116 -23.55 -26.37 -9.14
CA VAL A 116 -22.35 -26.08 -9.91
C VAL A 116 -22.29 -24.58 -10.16
N LYS A 117 -21.20 -23.95 -9.69
CA LYS A 117 -20.99 -22.51 -9.78
C LYS A 117 -20.06 -22.22 -10.93
N PHE A 118 -20.38 -21.20 -11.72
CA PHE A 118 -19.64 -20.90 -12.94
C PHE A 118 -18.78 -19.65 -12.78
N PRO A 119 -17.52 -19.67 -13.23
CA PRO A 119 -16.70 -18.45 -13.17
C PRO A 119 -17.34 -17.34 -13.98
N ILE A 120 -17.14 -16.12 -13.51
CA ILE A 120 -17.77 -14.96 -14.13
C ILE A 120 -16.99 -13.72 -13.73
N LYS A 121 -17.04 -12.68 -14.57
CA LYS A 121 -16.46 -11.37 -14.29
C LYS A 121 -17.62 -10.39 -14.11
N GLY A 122 -17.69 -9.73 -12.95
CA GLY A 122 -18.84 -8.92 -12.60
C GLY A 122 -18.67 -7.47 -13.01
N ASN A 123 -19.66 -6.66 -12.62
CA ASN A 123 -19.73 -5.23 -12.88
C ASN A 123 -20.33 -4.53 -11.67
N PRO A 124 -20.27 -3.21 -11.59
CA PRO A 124 -20.99 -2.50 -10.52
C PRO A 124 -22.49 -2.59 -10.72
N LYS A 125 -23.22 -2.40 -9.62
CA LYS A 125 -24.67 -2.24 -9.64
C LYS A 125 -25.33 -3.52 -10.21
N ILE A 126 -26.53 -3.38 -10.77
CA ILE A 126 -27.22 -4.51 -11.41
C ILE A 126 -26.79 -4.59 -12.86
N TRP A 127 -26.26 -5.73 -13.25
CA TRP A 127 -25.78 -5.95 -14.61
C TRP A 127 -26.40 -7.22 -15.16
N LYS A 128 -26.38 -7.35 -16.48
CA LYS A 128 -27.09 -8.41 -17.16
C LYS A 128 -26.14 -9.58 -17.42
N LEU A 129 -26.53 -10.76 -16.99
CA LEU A 129 -25.80 -11.99 -17.32
C LEU A 129 -25.82 -12.23 -18.82
N ASP A 130 -24.70 -12.75 -19.33
CA ASP A 130 -24.71 -13.28 -20.70
C ASP A 130 -25.65 -14.48 -20.80
N SER A 131 -26.23 -14.66 -22.00
CA SER A 131 -27.33 -15.62 -22.14
C SER A 131 -26.86 -17.06 -21.93
N LYS A 132 -25.64 -17.39 -22.34
CA LYS A 132 -25.15 -18.75 -22.20
C LYS A 132 -25.02 -19.15 -20.73
N ILE A 133 -24.42 -18.28 -19.91
CA ILE A 133 -24.29 -18.61 -18.49
C ILE A 133 -25.64 -18.52 -17.80
N HIS A 134 -26.51 -17.62 -18.25
CA HIS A 134 -27.86 -17.56 -17.69
C HIS A 134 -28.62 -18.86 -17.94
N GLN A 135 -28.59 -19.36 -19.18
CA GLN A 135 -29.27 -20.60 -19.49
C GLN A 135 -28.72 -21.75 -18.64
N GLY A 136 -27.40 -21.85 -18.56
CA GLY A 136 -26.79 -22.89 -17.74
C GLY A 136 -27.14 -22.75 -16.28
N ALA A 137 -27.23 -21.50 -15.79
CA ALA A 137 -27.58 -21.30 -14.39
C ALA A 137 -29.01 -21.74 -14.10
N LYS A 138 -29.95 -21.39 -14.97
CA LYS A 138 -31.33 -21.83 -14.77
C LYS A 138 -31.44 -23.35 -14.78
N LYS A 139 -30.71 -24.00 -15.68
CA LYS A 139 -30.73 -25.46 -15.75
C LYS A 139 -30.19 -26.08 -14.46
N GLY A 140 -29.09 -25.54 -13.94
CA GLY A 140 -28.55 -26.03 -12.68
C GLY A 140 -29.52 -25.98 -11.52
N LEU A 141 -30.52 -25.10 -11.57
CA LEU A 141 -31.42 -24.84 -10.45
C LEU A 141 -32.50 -25.89 -10.26
N MET A 142 -32.53 -26.96 -11.05
CA MET A 142 -33.57 -27.99 -10.94
C MET A 142 -33.77 -28.51 -9.49
N SER C 1 37.97 2.18 1.87
CA SER C 1 37.18 1.09 1.32
C SER C 1 35.69 1.16 1.77
N TRP C 2 35.46 1.90 2.84
CA TRP C 2 34.19 1.87 3.54
C TRP C 2 33.19 2.85 2.95
N CYS C 3 31.91 2.45 2.93
CA CYS C 3 30.89 3.15 2.17
C CYS C 3 29.62 3.28 3.00
N LEU C 4 28.86 4.34 2.72
CA LEU C 4 27.55 4.59 3.33
C LEU C 4 26.53 4.78 2.23
N SER C 5 25.42 4.04 2.27
CA SER C 5 24.34 4.25 1.32
C SER C 5 23.43 5.34 1.86
N VAL C 6 23.06 6.29 0.98
CA VAL C 6 22.22 7.44 1.34
C VAL C 6 21.17 7.62 0.26
N HIS C 7 19.93 7.90 0.68
CA HIS C 7 18.87 8.19 -0.28
C HIS C 7 19.19 9.46 -1.06
N GLN C 8 18.86 9.46 -2.35
CA GLN C 8 18.84 10.70 -3.12
C GLN C 8 17.59 11.50 -2.75
N PRO C 9 17.62 12.84 -2.91
CA PRO C 9 18.71 13.68 -3.43
C PRO C 9 19.81 13.99 -2.41
N TRP C 10 19.63 13.60 -1.15
CA TRP C 10 20.62 13.93 -0.13
C TRP C 10 22.00 13.33 -0.47
N ALA C 11 22.00 12.15 -1.08
CA ALA C 11 23.28 11.50 -1.43
C ALA C 11 24.15 12.43 -2.27
N SER C 12 23.62 12.91 -3.39
CA SER C 12 24.44 13.79 -4.22
C SER C 12 24.74 15.13 -3.55
N LEU C 13 23.80 15.66 -2.75
CA LEU C 13 24.10 16.92 -2.07
C LEU C 13 25.27 16.77 -1.12
N LEU C 14 25.45 15.56 -0.56
CA LEU C 14 26.58 15.30 0.31
C LEU C 14 27.91 15.35 -0.45
N VAL C 15 27.99 14.69 -1.61
CA VAL C 15 29.27 14.67 -2.30
C VAL C 15 29.56 15.98 -3.01
N ARG C 16 28.56 16.84 -3.18
CA ARG C 16 28.76 18.20 -3.67
C ARG C 16 29.15 19.19 -2.58
N GLY C 17 29.09 18.80 -1.30
CA GLY C 17 29.35 19.74 -0.22
C GLY C 17 28.17 20.62 0.15
N ILE C 18 27.01 20.43 -0.47
CA ILE C 18 25.85 21.25 -0.15
C ILE C 18 25.22 20.81 1.16
N LYS C 19 24.95 19.52 1.29
CA LYS C 19 24.61 18.94 2.58
C LYS C 19 25.91 18.64 3.31
N ARG C 20 26.04 19.12 4.54
CA ARG C 20 27.31 19.03 5.25
C ARG C 20 27.33 17.94 6.32
N VAL C 21 26.18 17.43 6.75
CA VAL C 21 26.12 16.39 7.75
C VAL C 21 25.10 15.36 7.32
N GLU C 22 25.20 14.18 7.91
CA GLU C 22 24.23 13.10 7.68
C GLU C 22 23.91 12.50 9.04
N GLY C 23 22.63 12.39 9.33
CA GLY C 23 22.23 11.85 10.59
C GLY C 23 21.80 10.40 10.60
N ARG C 24 22.16 9.68 11.64
CA ARG C 24 21.73 8.30 11.79
C ARG C 24 21.37 7.97 13.24
N SER C 25 20.74 6.84 13.46
CA SER C 25 20.35 6.40 14.78
C SER C 25 21.49 5.74 15.49
N TRP C 26 22.59 5.55 14.79
CA TRP C 26 23.68 4.81 15.34
C TRP C 26 25.01 5.48 15.23
N TYR C 27 25.95 5.03 16.05
CA TYR C 27 27.26 5.63 16.09
C TYR C 27 28.24 4.80 15.27
N THR C 28 29.27 5.45 14.72
CA THR C 28 30.38 4.70 14.15
C THR C 28 31.70 5.28 14.62
N PRO C 29 32.66 4.43 14.97
CA PRO C 29 34.02 4.91 15.23
C PRO C 29 34.81 5.22 13.98
N HIS C 30 34.28 4.90 12.79
CA HIS C 30 35.03 5.13 11.57
C HIS C 30 35.37 6.60 11.41
N ARG C 31 36.64 6.90 11.12
CA ARG C 31 37.08 8.24 10.76
C ARG C 31 37.88 8.16 9.47
N GLY C 32 37.82 9.23 8.68
CA GLY C 32 38.51 9.27 7.41
C GLY C 32 37.56 9.09 6.23
N ARG C 33 38.13 8.65 5.12
CA ARG C 33 37.38 8.62 3.88
C ARG C 33 36.19 7.70 4.03
N LEU C 34 35.03 8.20 3.60
CA LEU C 34 33.77 7.45 3.62
C LEU C 34 33.15 7.64 2.24
N TRP C 35 33.06 6.55 1.48
CA TRP C 35 32.43 6.62 0.19
C TRP C 35 30.92 6.79 0.36
N ILE C 36 30.27 7.42 -0.62
CA ILE C 36 28.84 7.67 -0.59
C ILE C 36 28.20 7.01 -1.79
N ALA C 37 27.27 6.08 -1.53
CA ALA C 37 26.47 5.44 -2.56
C ALA C 37 25.02 5.88 -2.44
N ALA C 38 24.38 6.16 -3.57
CA ALA C 38 22.95 6.38 -3.55
C ALA C 38 22.22 5.04 -3.40
N THR C 39 21.19 5.02 -2.57
CA THR C 39 20.34 3.85 -2.53
C THR C 39 19.60 3.71 -3.87
N ALA C 40 18.87 2.60 -3.98
CA ALA C 40 18.03 2.35 -5.14
C ALA C 40 16.74 3.16 -5.13
N LYS C 41 16.42 3.87 -4.05
CA LYS C 41 15.12 4.54 -3.96
C LYS C 41 15.15 5.83 -4.78
N LYS C 42 14.36 5.89 -5.85
CA LYS C 42 14.31 7.08 -6.69
C LYS C 42 13.51 8.17 -5.97
N PRO C 43 13.98 9.41 -5.95
CA PRO C 43 13.17 10.50 -5.38
C PRO C 43 12.22 11.07 -6.42
N SER C 44 11.02 11.44 -5.97
CA SER C 44 10.08 12.09 -6.87
C SER C 44 10.63 13.46 -7.29
N PRO C 45 10.32 13.91 -8.51
CA PRO C 45 10.77 15.25 -8.91
C PRO C 45 10.28 16.33 -7.98
N GLN C 46 9.22 16.06 -7.21
CA GLN C 46 8.70 17.04 -6.26
C GLN C 46 9.67 17.24 -5.11
N GLU C 47 10.09 16.16 -4.44
CA GLU C 47 11.00 16.31 -3.32
C GLU C 47 12.38 16.81 -3.75
N VAL C 48 12.80 16.56 -4.99
CA VAL C 48 14.04 17.17 -5.46
C VAL C 48 13.90 18.68 -5.52
N SER C 49 12.81 19.19 -6.10
CA SER C 49 12.67 20.64 -6.22
C SER C 49 12.48 21.29 -4.85
N GLU C 50 11.69 20.66 -3.98
CA GLU C 50 11.49 21.22 -2.64
C GLU C 50 12.78 21.24 -1.83
N LEU C 51 13.57 20.15 -1.89
CA LEU C 51 14.84 20.14 -1.18
C LEU C 51 15.82 21.15 -1.78
N GLN C 52 15.80 21.31 -3.10
CA GLN C 52 16.67 22.30 -3.73
C GLN C 52 16.28 23.71 -3.27
N ALA C 53 14.98 23.99 -3.19
CA ALA C 53 14.57 25.31 -2.72
C ALA C 53 15.05 25.55 -1.29
N THR C 54 14.89 24.55 -0.43
CA THR C 54 15.34 24.67 0.95
C THR C 54 16.84 24.95 1.02
N TYR C 55 17.65 24.13 0.34
CA TYR C 55 19.07 24.36 0.40
C TYR C 55 19.50 25.66 -0.27
N ARG C 56 18.71 26.19 -1.22
CA ARG C 56 19.00 27.54 -1.71
C ARG C 56 18.88 28.56 -0.58
N LEU C 57 17.84 28.42 0.26
CA LEU C 57 17.69 29.34 1.37
C LEU C 57 18.80 29.17 2.40
N LEU C 58 19.27 27.94 2.62
CA LEU C 58 20.32 27.74 3.61
C LEU C 58 21.69 28.16 3.09
N ARG C 59 21.96 28.03 1.79
CA ARG C 59 23.31 28.23 1.28
C ARG C 59 23.49 29.40 0.32
N GLY C 60 22.42 29.95 -0.24
CA GLY C 60 22.55 31.04 -1.20
C GLY C 60 21.82 30.79 -2.50
N LYS C 61 21.38 31.87 -3.14
CA LYS C 61 20.49 31.76 -4.28
C LYS C 61 21.14 31.00 -5.43
N ASP C 62 22.46 31.14 -5.60
CA ASP C 62 23.16 30.65 -6.78
C ASP C 62 24.00 29.41 -6.50
N VAL C 63 23.60 28.61 -5.51
CA VAL C 63 24.30 27.36 -5.27
C VAL C 63 24.05 26.40 -6.44
N GLU C 64 25.08 25.67 -6.84
CA GLU C 64 25.04 24.83 -8.03
C GLU C 64 24.70 23.40 -7.66
N PHE C 65 23.46 23.00 -7.93
CA PHE C 65 23.01 21.64 -7.72
C PHE C 65 23.45 20.74 -8.88
N PRO C 66 23.58 19.44 -8.63
CA PRO C 66 23.82 18.51 -9.75
C PRO C 66 22.64 18.50 -10.70
N ASN C 67 22.92 18.21 -11.97
CA ASN C 67 21.85 18.13 -12.95
C ASN C 67 20.96 16.93 -12.68
N ASP C 68 21.52 15.85 -12.13
CA ASP C 68 20.77 14.64 -11.86
C ASP C 68 21.16 14.07 -10.50
N TYR C 69 20.24 13.27 -9.95
CA TYR C 69 20.43 12.57 -8.69
C TYR C 69 20.28 11.08 -8.98
N PRO C 70 21.29 10.45 -9.58
CA PRO C 70 21.12 9.06 -9.98
C PRO C 70 21.05 8.12 -8.80
N SER C 71 20.25 7.08 -8.96
CA SER C 71 20.01 6.08 -7.93
C SER C 71 20.93 4.88 -8.10
N GLY C 72 21.16 4.18 -6.99
CA GLY C 72 21.85 2.90 -7.07
C GLY C 72 23.25 2.94 -7.65
N CYS C 73 24.04 3.94 -7.28
CA CYS C 73 25.39 4.02 -7.81
C CYS C 73 26.32 4.69 -6.81
N LEU C 74 27.60 4.51 -7.04
CA LEU C 74 28.64 5.11 -6.21
C LEU C 74 28.92 6.52 -6.70
N LEU C 75 28.78 7.51 -5.83
CA LEU C 75 28.78 8.91 -6.22
C LEU C 75 30.10 9.61 -5.98
N GLY C 76 30.82 9.24 -4.93
CA GLY C 76 31.96 10.00 -4.48
C GLY C 76 32.24 9.66 -3.02
N CYS C 77 32.91 10.59 -2.35
CA CYS C 77 33.32 10.35 -0.97
C CYS C 77 33.39 11.66 -0.20
N VAL C 78 33.43 11.50 1.12
CA VAL C 78 33.69 12.59 2.04
C VAL C 78 34.74 12.08 3.02
N ASP C 79 35.30 13.01 3.80
CA ASP C 79 36.07 12.65 4.98
C ASP C 79 35.13 12.76 6.17
N LEU C 80 34.89 11.63 6.82
CA LEU C 80 34.08 11.62 8.04
C LEU C 80 35.01 12.01 9.17
N ILE C 81 34.96 13.27 9.59
CA ILE C 81 35.90 13.71 10.61
C ILE C 81 35.38 13.56 12.03
N ASP C 82 34.07 13.45 12.22
CA ASP C 82 33.55 13.12 13.55
C ASP C 82 32.17 12.49 13.44
N CYS C 83 31.78 11.80 14.51
CA CYS C 83 30.44 11.25 14.65
C CYS C 83 29.93 11.71 16.02
N LEU C 84 29.05 12.70 16.02
CA LEU C 84 28.69 13.43 17.22
C LEU C 84 27.30 13.04 17.69
N SER C 85 27.14 12.94 19.00
CA SER C 85 25.80 12.90 19.55
C SER C 85 25.08 14.20 19.18
N GLN C 86 23.76 14.16 19.25
CA GLN C 86 22.97 15.37 19.01
C GLN C 86 23.37 16.48 19.96
N LYS C 87 23.60 16.16 21.24
CA LYS C 87 24.08 17.16 22.20
C LYS C 87 25.42 17.75 21.78
N GLN C 88 26.36 16.89 21.36
CA GLN C 88 27.65 17.40 20.90
C GLN C 88 27.51 18.21 19.62
N PHE C 89 26.58 17.84 18.75
CA PHE C 89 26.41 18.56 17.50
C PHE C 89 25.98 19.99 17.76
N LYS C 90 25.02 20.18 18.68
CA LYS C 90 24.55 21.53 18.99
C LYS C 90 25.65 22.39 19.60
N GLU C 91 26.51 21.79 20.44
CA GLU C 91 27.61 22.53 21.06
C GLU C 91 28.66 22.95 20.04
N GLN C 92 29.01 22.06 19.11
CA GLN C 92 30.14 22.30 18.25
C GLN C 92 29.78 22.95 16.92
N PHE C 93 28.55 22.81 16.44
CA PHE C 93 28.16 23.34 15.13
C PHE C 93 26.84 24.13 15.22
N PRO C 94 26.82 25.19 16.03
CA PRO C 94 25.56 25.92 16.23
C PRO C 94 25.00 26.51 14.95
N ASP C 95 25.85 26.81 13.96
CA ASP C 95 25.36 27.43 12.73
C ASP C 95 24.61 26.45 11.83
N ILE C 96 24.78 25.14 12.03
CA ILE C 96 24.15 24.15 11.17
C ILE C 96 23.49 23.06 12.00
N SER C 97 23.43 23.27 13.31
CA SER C 97 22.88 22.23 14.18
C SER C 97 21.42 21.95 13.86
N GLN C 98 20.70 22.94 13.36
CA GLN C 98 19.32 22.71 12.91
C GLN C 98 19.23 21.76 11.71
N GLU C 99 20.35 21.45 11.05
CA GLU C 99 20.24 20.66 9.83
C GLU C 99 20.14 19.15 10.08
N SER C 100 20.18 18.70 11.35
CA SER C 100 19.91 17.29 11.65
C SER C 100 19.52 17.14 13.11
N ASP C 101 18.43 16.43 13.36
CA ASP C 101 18.01 16.11 14.72
C ASP C 101 18.22 14.63 15.06
N SER C 102 19.04 13.93 14.28
CA SER C 102 19.30 12.50 14.52
C SER C 102 20.13 12.29 15.79
N PRO C 103 20.02 11.09 16.40
CA PRO C 103 20.82 10.83 17.61
C PRO C 103 22.32 10.95 17.38
N PHE C 104 22.81 10.58 16.19
CA PHE C 104 24.22 10.71 15.85
C PHE C 104 24.35 11.42 14.50
N VAL C 105 25.31 12.34 14.44
CA VAL C 105 25.44 13.26 13.31
C VAL C 105 26.83 13.12 12.72
N PHE C 106 26.90 12.71 11.46
CA PHE C 106 28.15 12.44 10.77
C PHE C 106 28.68 13.74 10.18
N ILE C 107 29.83 14.22 10.66
CA ILE C 107 30.38 15.50 10.20
C ILE C 107 31.32 15.22 9.03
N CYS C 108 30.98 15.77 7.88
CA CYS C 108 31.67 15.44 6.63
C CYS C 108 32.45 16.65 6.13
N LYS C 109 33.65 16.39 5.61
CA LYS C 109 34.50 17.43 5.03
C LYS C 109 35.08 16.90 3.73
N ASN C 110 35.68 17.81 2.95
CA ASN C 110 36.37 17.47 1.71
C ASN C 110 35.56 16.55 0.79
N PRO C 111 34.34 16.94 0.43
CA PRO C 111 33.57 16.11 -0.51
C PRO C 111 34.23 16.10 -1.88
N GLN C 112 34.12 14.95 -2.55
CA GLN C 112 34.57 14.79 -3.93
C GLN C 112 33.49 14.02 -4.66
N GLU C 113 33.16 14.46 -5.87
CA GLU C 113 32.17 13.79 -6.70
C GLU C 113 32.85 13.09 -7.87
N MET C 114 32.43 11.87 -8.15
CA MET C 114 32.99 11.13 -9.29
C MET C 114 32.31 11.58 -10.57
N VAL C 115 33.11 11.87 -11.59
CA VAL C 115 32.52 12.24 -12.88
C VAL C 115 31.84 11.02 -13.51
N VAL C 116 32.45 9.84 -13.37
CA VAL C 116 31.82 8.58 -13.80
C VAL C 116 31.38 7.81 -12.55
N LYS C 117 30.08 7.59 -12.43
CA LYS C 117 29.46 6.93 -11.28
C LYS C 117 29.14 5.49 -11.64
N PHE C 118 29.43 4.57 -10.73
CA PHE C 118 29.30 3.16 -11.05
C PHE C 118 28.11 2.52 -10.36
N PRO C 119 27.30 1.72 -11.04
CA PRO C 119 26.19 1.04 -10.38
C PRO C 119 26.69 0.16 -9.26
N ILE C 120 25.87 0.03 -8.22
CA ILE C 120 26.27 -0.67 -7.01
C ILE C 120 25.01 -1.01 -6.24
N LYS C 121 25.08 -2.11 -5.48
CA LYS C 121 24.04 -2.55 -4.56
C LYS C 121 24.55 -2.31 -3.14
N GLY C 122 23.81 -1.55 -2.33
CA GLY C 122 24.28 -1.13 -1.02
C GLY C 122 23.87 -2.10 0.09
N ASN C 123 24.22 -1.72 1.33
CA ASN C 123 23.88 -2.43 2.56
C ASN C 123 23.57 -1.43 3.66
N PRO C 124 23.00 -1.86 4.79
CA PRO C 124 22.84 -0.95 5.92
C PRO C 124 24.20 -0.55 6.51
N LYS C 125 24.19 0.59 7.21
CA LYS C 125 25.32 1.05 8.01
C LYS C 125 26.55 1.27 7.10
N ILE C 126 27.74 1.13 7.68
CA ILE C 126 29.01 1.22 6.95
C ILE C 126 29.35 -0.17 6.41
N TRP C 127 29.49 -0.27 5.10
CA TRP C 127 29.84 -1.54 4.47
C TRP C 127 31.05 -1.31 3.59
N LYS C 128 31.68 -2.41 3.21
CA LYS C 128 32.95 -2.38 2.50
C LYS C 128 32.72 -2.53 1.01
N LEU C 129 33.25 -1.58 0.24
CA LEU C 129 33.23 -1.70 -1.21
C LEU C 129 34.04 -2.90 -1.68
N ASP C 130 33.59 -3.53 -2.75
CA ASP C 130 34.40 -4.55 -3.42
C ASP C 130 35.64 -3.93 -4.06
N SER C 131 36.71 -4.73 -4.14
CA SER C 131 38.02 -4.21 -4.52
C SER C 131 38.01 -3.60 -5.92
N LYS C 132 37.30 -4.23 -6.85
CA LYS C 132 37.33 -3.76 -8.23
C LYS C 132 36.70 -2.38 -8.36
N ILE C 133 35.53 -2.20 -7.73
CA ILE C 133 34.87 -0.90 -7.82
C ILE C 133 35.61 0.14 -7.00
N HIS C 134 36.23 -0.27 -5.88
CA HIS C 134 37.02 0.68 -5.10
C HIS C 134 38.22 1.18 -5.91
N GLN C 135 38.89 0.29 -6.64
CA GLN C 135 40.03 0.70 -7.45
C GLN C 135 39.62 1.67 -8.55
N GLY C 136 38.50 1.37 -9.23
CA GLY C 136 38.02 2.26 -10.27
C GLY C 136 37.54 3.59 -9.71
N ALA C 137 36.97 3.57 -8.51
CA ALA C 137 36.53 4.83 -7.91
C ALA C 137 37.73 5.72 -7.59
N LYS C 138 38.79 5.14 -7.00
CA LYS C 138 39.97 5.96 -6.70
C LYS C 138 40.62 6.49 -7.97
N LYS C 139 40.65 5.68 -9.03
CA LYS C 139 41.20 6.14 -10.30
C LYS C 139 40.41 7.31 -10.86
N GLY C 140 39.09 7.20 -10.84
CA GLY C 140 38.24 8.30 -11.30
C GLY C 140 38.48 9.61 -10.59
N LEU C 141 38.95 9.57 -9.34
CA LEU C 141 39.07 10.78 -8.52
C LEU C 141 40.23 11.68 -8.91
N MET C 142 40.97 11.40 -9.98
CA MET C 142 42.10 12.25 -10.39
C MET C 142 41.73 13.74 -10.55
#